data_8A6F
#
_entry.id   8A6F
#
_cell.length_a   82.944
_cell.length_b   112.909
_cell.length_c   62.794
_cell.angle_alpha   90.000
_cell.angle_beta   90.000
_cell.angle_gamma   90.000
#
_symmetry.space_group_name_H-M   'C 2 2 21'
#
loop_
_entity.id
_entity.type
_entity.pdbx_description
1 polymer '14-3-3 protein sigma'
2 polymer 'RAF proto-oncogene serine/threonine-protein kinase'
3 non-polymer 'CHLORIDE ION'
4 non-polymer 'MAGNESIUM ION'
5 non-polymer 1-[4-[4-chloranyl-3-(trifluoromethyl)phenyl]-4-oxidanyl-piperidin-1-yl]-3-[2-(dimethylamino)ethyldisulfanyl]propan-1-one
6 water water
#
loop_
_entity_poly.entity_id
_entity_poly.type
_entity_poly.pdbx_seq_one_letter_code
_entity_poly.pdbx_strand_id
1 'polypeptide(L)'
;GAMGSMERASLIQKAKLAEQAERYEDMAAFMKGAVEKGEELSCEERNLLSVAYKNVVGGQRAAWRVLSSIEQKSNEEGSE
EKGPEVREYREKVETELQGVCDTVLGLLDSHLIKEAGDAESRVFYLKMKGDYYRYLAEVATGDDKKRIIDSARSAYQEAM
DISKKEMPPTNPIRLGLALNFSVFHYEIANSPEEAISLAKTTFDEAMADLHTLSEDSYKDSTLIMQLLRDNLTLWT
;
A
2 'polypeptide(L)' QRST(SEP)TPNVH(NH2) P
#
# COMPACT_ATOMS: atom_id res chain seq x y z
N GLY A 1 -5.52 13.36 -21.17
CA GLY A 1 -5.66 13.45 -19.69
C GLY A 1 -6.04 14.87 -19.33
N ALA A 2 -7.00 15.00 -18.39
CA ALA A 2 -7.53 16.32 -18.07
C ALA A 2 -6.51 17.21 -17.36
N MET A 3 -5.42 16.65 -16.84
CA MET A 3 -4.34 17.45 -16.24
C MET A 3 -3.23 17.78 -17.21
N GLY A 4 -3.37 17.39 -18.49
CA GLY A 4 -2.30 17.59 -19.45
C GLY A 4 -1.95 19.05 -19.67
N SER A 5 -2.91 19.96 -19.47
CA SER A 5 -2.66 21.38 -19.70
C SER A 5 -2.11 22.10 -18.47
N MET A 6 -1.99 21.45 -17.32
CA MET A 6 -1.52 22.10 -16.10
C MET A 6 -0.04 21.85 -15.86
N GLU A 7 0.65 22.90 -15.44
CA GLU A 7 2.04 22.80 -15.08
C GLU A 7 2.28 21.74 -14.01
N ARG A 8 3.40 21.02 -14.16
CA ARG A 8 3.81 20.06 -13.12
C ARG A 8 3.80 20.70 -11.74
N ALA A 9 4.44 21.87 -11.60
CA ALA A 9 4.55 22.48 -10.28
C ALA A 9 3.18 22.86 -9.73
N SER A 10 2.26 23.29 -10.61
CA SER A 10 0.91 23.63 -10.19
C SER A 10 0.14 22.39 -9.73
N LEU A 11 0.35 21.25 -10.40
CA LEU A 11 -0.28 19.99 -9.96
C LEU A 11 0.21 19.59 -8.56
N ILE A 12 1.51 19.72 -8.31
CA ILE A 12 2.04 19.39 -6.98
C ILE A 12 1.51 20.37 -5.93
N GLN A 13 1.46 21.66 -6.27
CA GLN A 13 0.89 22.62 -5.35
C GLN A 13 -0.55 22.27 -5.01
N LYS A 14 -1.34 21.93 -6.02
CA LYS A 14 -2.74 21.64 -5.77
C LYS A 14 -2.91 20.30 -5.05
N ALA A 15 -2.02 19.34 -5.30
CA ALA A 15 -2.06 18.12 -4.49
C ALA A 15 -1.90 18.45 -3.02
N LYS A 16 -1.01 19.38 -2.69
CA LYS A 16 -0.82 19.72 -1.28
C LYS A 16 -2.05 20.43 -0.72
N LEU A 17 -2.69 21.28 -1.53
CA LEU A 17 -3.92 21.94 -1.09
C LEU A 17 -5.02 20.91 -0.87
N ALA A 18 -5.15 19.96 -1.81
CA ALA A 18 -6.16 18.92 -1.68
C ALA A 18 -5.93 18.11 -0.42
N GLU A 19 -4.67 17.83 -0.10
CA GLU A 19 -4.35 17.12 1.14
C GLU A 19 -4.85 17.90 2.36
N GLN A 20 -4.61 19.21 2.37
CA GLN A 20 -5.05 20.04 3.49
C GLN A 20 -6.56 20.03 3.61
N ALA A 21 -7.25 20.01 2.48
CA ALA A 21 -8.69 19.98 2.41
C ALA A 21 -9.27 18.57 2.56
N GLU A 22 -8.43 17.54 2.72
CA GLU A 22 -8.88 16.15 2.83
C GLU A 22 -9.69 15.74 1.60
N ARG A 23 -9.27 16.25 0.43
CA ARG A 23 -9.91 15.95 -0.85
C ARG A 23 -8.98 14.97 -1.58
N TYR A 24 -9.03 13.70 -1.15
CA TYR A 24 -7.99 12.78 -1.60
C TYR A 24 -8.19 12.28 -3.02
N GLU A 25 -9.43 12.20 -3.53
CA GLU A 25 -9.63 11.90 -4.94
C GLU A 25 -9.00 12.97 -5.82
N ASP A 26 -9.21 14.24 -5.47
CA ASP A 26 -8.53 15.31 -6.21
C ASP A 26 -7.02 15.18 -6.08
N MET A 27 -6.55 14.91 -4.87
CA MET A 27 -5.11 14.80 -4.64
C MET A 27 -4.50 13.73 -5.50
N ALA A 28 -5.18 12.60 -5.62
CA ALA A 28 -4.69 11.52 -6.46
C ALA A 28 -4.70 11.91 -7.94
N ALA A 29 -5.75 12.56 -8.40
CA ALA A 29 -5.80 13.00 -9.79
C ALA A 29 -4.68 13.99 -10.11
N PHE A 30 -4.41 14.92 -9.19
CA PHE A 30 -3.32 15.87 -9.40
C PHE A 30 -1.98 15.13 -9.48
N MET A 31 -1.75 14.20 -8.56
CA MET A 31 -0.50 13.46 -8.58
C MET A 31 -0.36 12.55 -9.79
N LYS A 32 -1.45 11.94 -10.25
CA LYS A 32 -1.39 11.20 -11.50
C LYS A 32 -0.96 12.10 -12.64
N GLY A 33 -1.52 13.31 -12.69
CA GLY A 33 -1.13 14.26 -13.73
C GLY A 33 0.34 14.60 -13.62
N ALA A 34 0.84 14.79 -12.39
CA ALA A 34 2.25 15.10 -12.19
C ALA A 34 3.12 13.93 -12.66
N VAL A 35 2.75 12.71 -12.31
CA VAL A 35 3.56 11.58 -12.75
C VAL A 35 3.60 11.52 -14.28
N GLU A 36 2.46 11.77 -14.92
CA GLU A 36 2.37 11.64 -16.38
C GLU A 36 3.14 12.73 -17.12
N LYS A 37 3.67 13.73 -16.40
CA LYS A 37 4.59 14.67 -17.04
C LYS A 37 5.87 13.98 -17.45
N GLY A 38 6.19 12.83 -16.82
CA GLY A 38 7.29 11.99 -17.27
C GLY A 38 8.61 12.19 -16.57
N GLU A 39 8.70 13.14 -15.66
CA GLU A 39 9.90 13.32 -14.86
C GLU A 39 9.81 12.44 -13.62
N GLU A 40 10.97 12.01 -13.14
CA GLU A 40 11.04 11.29 -11.89
C GLU A 40 10.47 12.14 -10.74
N LEU A 41 10.11 11.47 -9.63
CA LEU A 41 9.54 12.14 -8.48
C LEU A 41 10.56 12.24 -7.34
N SER A 42 10.56 13.39 -6.68
CA SER A 42 11.33 13.57 -5.45
C SER A 42 10.75 12.76 -4.30
N CYS A 43 11.46 12.70 -3.16
CA CYS A 43 10.93 11.92 -2.05
C CYS A 43 9.58 12.54 -1.57
N GLU A 44 9.49 13.88 -1.45
CA GLU A 44 8.22 14.50 -1.04
C GLU A 44 7.11 14.19 -2.05
N GLU A 45 7.43 14.21 -3.34
CA GLU A 45 6.40 13.93 -4.36
C GLU A 45 5.98 12.46 -4.33
N ARG A 46 6.93 11.53 -4.18
CA ARG A 46 6.55 10.14 -4.01
C ARG A 46 5.61 9.97 -2.83
N ASN A 47 5.90 10.67 -1.73
CA ASN A 47 5.03 10.56 -0.57
C ASN A 47 3.64 11.10 -0.88
N LEU A 48 3.54 12.24 -1.61
CA LEU A 48 2.22 12.76 -1.94
C LEU A 48 1.43 11.74 -2.76
N LEU A 49 2.07 11.11 -3.74
CA LEU A 49 1.41 10.09 -4.54
C LEU A 49 0.88 8.95 -3.68
N SER A 50 1.72 8.47 -2.77
CA SER A 50 1.32 7.39 -1.88
C SER A 50 0.18 7.78 -0.96
N VAL A 51 0.30 8.94 -0.31
CA VAL A 51 -0.75 9.40 0.59
C VAL A 51 -2.09 9.48 -0.14
N ALA A 52 -2.09 10.07 -1.32
CA ALA A 52 -3.33 10.28 -2.06
C ALA A 52 -4.03 8.96 -2.37
N TYR A 53 -3.30 8.04 -3.01
CA TYR A 53 -3.95 6.81 -3.45
C TYR A 53 -4.24 5.89 -2.28
N LYS A 54 -3.42 5.93 -1.21
CA LYS A 54 -3.72 5.08 -0.07
C LYS A 54 -5.02 5.51 0.57
N ASN A 55 -5.27 6.81 0.63
CA ASN A 55 -6.53 7.29 1.18
C ASN A 55 -7.70 6.92 0.27
N VAL A 56 -7.53 7.06 -1.04
CA VAL A 56 -8.62 6.69 -1.95
C VAL A 56 -8.93 5.20 -1.83
N VAL A 57 -7.91 4.35 -1.97
CA VAL A 57 -8.18 2.92 -1.93
C VAL A 57 -8.59 2.49 -0.52
N GLY A 58 -8.15 3.23 0.49
CA GLY A 58 -8.57 2.89 1.85
C GLY A 58 -10.06 3.05 2.06
N GLY A 59 -10.63 4.11 1.52
CA GLY A 59 -12.07 4.26 1.60
C GLY A 59 -12.78 3.15 0.86
N GLN A 60 -12.24 2.76 -0.29
CA GLN A 60 -12.89 1.71 -1.07
C GLN A 60 -12.78 0.36 -0.35
N ARG A 61 -11.61 0.06 0.22
CA ARG A 61 -11.45 -1.17 0.97
C ARG A 61 -12.43 -1.23 2.13
N ALA A 62 -12.59 -0.12 2.85
CA ALA A 62 -13.50 -0.11 3.98
C ALA A 62 -14.93 -0.36 3.51
N ALA A 63 -15.34 0.32 2.43
CA ALA A 63 -16.69 0.14 1.92
C ALA A 63 -16.89 -1.29 1.41
N TRP A 64 -15.88 -1.84 0.73
CA TRP A 64 -16.00 -3.18 0.19
C TRP A 64 -16.17 -4.21 1.31
N ARG A 65 -15.45 -4.03 2.42
CA ARG A 65 -15.60 -4.95 3.54
C ARG A 65 -16.99 -4.91 4.14
N VAL A 66 -17.56 -3.71 4.26
CA VAL A 66 -18.92 -3.59 4.77
C VAL A 66 -19.88 -4.34 3.87
N LEU A 67 -19.78 -4.11 2.57
CA LEU A 67 -20.71 -4.71 1.61
C LEU A 67 -20.51 -6.22 1.51
N SER A 68 -19.25 -6.68 1.46
CA SER A 68 -19.00 -8.11 1.45
C SER A 68 -19.55 -8.80 2.70
N SER A 69 -19.46 -8.16 3.87
CA SER A 69 -20.03 -8.76 5.07
C SER A 69 -21.55 -8.89 4.96
N ILE A 70 -22.21 -7.84 4.46
CA ILE A 70 -23.66 -7.89 4.29
C ILE A 70 -24.02 -9.01 3.30
N GLU A 71 -23.25 -9.11 2.23
CA GLU A 71 -23.52 -10.14 1.21
C GLU A 71 -23.35 -11.53 1.78
N GLN A 72 -22.29 -11.72 2.56
CA GLN A 72 -22.05 -13.03 3.16
C GLN A 72 -23.18 -13.42 4.09
N LYS A 73 -23.66 -12.46 4.88
CA LYS A 73 -24.80 -12.73 5.75
C LYS A 73 -26.04 -13.08 4.94
N SER A 74 -26.33 -12.28 3.91
CA SER A 74 -27.47 -12.56 3.06
C SER A 74 -27.40 -13.95 2.44
N ASN A 75 -26.20 -14.52 2.31
CA ASN A 75 -26.03 -15.84 1.74
C ASN A 75 -25.76 -16.88 2.84
N GLU A 76 -26.72 -17.03 3.74
CA GLU A 76 -26.64 -18.04 4.77
C GLU A 76 -28.03 -18.63 5.02
N GLU A 77 -28.06 -19.90 5.42
CA GLU A 77 -29.32 -20.59 5.69
C GLU A 77 -30.20 -19.75 6.60
N GLY A 78 -31.44 -19.54 6.18
CA GLY A 78 -32.38 -18.78 6.97
C GLY A 78 -32.42 -17.30 6.67
N SER A 79 -31.74 -16.86 5.62
CA SER A 79 -31.69 -15.46 5.23
C SER A 79 -32.73 -15.20 4.14
N GLU A 80 -33.67 -14.32 4.44
CA GLU A 80 -34.68 -13.93 3.47
C GLU A 80 -33.99 -13.40 2.21
N GLU A 81 -34.22 -14.06 1.07
CA GLU A 81 -33.60 -13.63 -0.17
C GLU A 81 -34.10 -12.25 -0.55
N LYS A 82 -33.17 -11.34 -0.87
CA LYS A 82 -33.51 -9.94 -1.08
C LYS A 82 -33.10 -9.44 -2.46
N GLY A 83 -32.85 -10.34 -3.41
CA GLY A 83 -32.59 -9.94 -4.77
C GLY A 83 -31.13 -9.70 -5.04
N PRO A 84 -30.82 -9.18 -6.23
CA PRO A 84 -29.43 -9.05 -6.67
C PRO A 84 -28.72 -7.80 -6.19
N GLU A 85 -29.38 -6.93 -5.42
CA GLU A 85 -28.86 -5.58 -5.24
C GLU A 85 -27.57 -5.56 -4.41
N VAL A 86 -27.47 -6.36 -3.36
CA VAL A 86 -26.26 -6.37 -2.55
C VAL A 86 -25.08 -6.79 -3.39
N ARG A 87 -25.24 -7.88 -4.14
CA ARG A 87 -24.15 -8.34 -5.01
C ARG A 87 -23.80 -7.28 -6.04
N GLU A 88 -24.81 -6.69 -6.68
CA GLU A 88 -24.56 -5.68 -7.69
C GLU A 88 -23.74 -4.52 -7.12
N TYR A 89 -24.11 -4.04 -5.94
CA TYR A 89 -23.46 -2.85 -5.39
C TYR A 89 -22.05 -3.21 -4.88
N ARG A 90 -21.91 -4.38 -4.24
CA ARG A 90 -20.57 -4.86 -3.89
C ARG A 90 -19.69 -4.95 -5.15
N GLU A 91 -20.25 -5.48 -6.24
CA GLU A 91 -19.48 -5.56 -7.50
C GLU A 91 -19.09 -4.18 -8.02
N LYS A 92 -20.00 -3.20 -7.91
CA LYS A 92 -19.69 -1.83 -8.34
C LYS A 92 -18.51 -1.28 -7.58
N VAL A 93 -18.58 -1.35 -6.25
CA VAL A 93 -17.48 -0.85 -5.44
C VAL A 93 -16.20 -1.63 -5.74
N GLU A 94 -16.30 -2.96 -5.83
CA GLU A 94 -15.13 -3.79 -6.15
C GLU A 94 -14.49 -3.37 -7.48
N THR A 95 -15.30 -3.12 -8.49
CA THR A 95 -14.75 -2.71 -9.78
C THR A 95 -14.04 -1.37 -9.67
N GLU A 96 -14.59 -0.43 -8.89
CA GLU A 96 -13.95 0.87 -8.71
C GLU A 96 -12.63 0.72 -7.98
N LEU A 97 -12.59 -0.13 -6.95
CA LEU A 97 -11.35 -0.43 -6.23
C LEU A 97 -10.30 -1.04 -7.16
N GLN A 98 -10.68 -2.04 -7.96
CA GLN A 98 -9.74 -2.64 -8.89
C GLN A 98 -9.25 -1.61 -9.89
N GLY A 99 -10.13 -0.71 -10.30
CA GLY A 99 -9.70 0.36 -11.19
C GLY A 99 -8.63 1.24 -10.61
N VAL A 100 -8.78 1.64 -9.33
CA VAL A 100 -7.77 2.45 -8.66
C VAL A 100 -6.46 1.69 -8.59
N CYS A 101 -6.53 0.40 -8.20
CA CYS A 101 -5.31 -0.39 -8.14
C CYS A 101 -4.64 -0.48 -9.50
N ASP A 102 -5.43 -0.72 -10.56
CA ASP A 102 -4.88 -0.80 -11.91
C ASP A 102 -4.25 0.54 -12.31
N THR A 103 -4.84 1.66 -11.91
CA THR A 103 -4.28 2.96 -12.26
C THR A 103 -2.91 3.13 -11.61
N VAL A 104 -2.81 2.79 -10.32
CA VAL A 104 -1.52 2.94 -9.64
C VAL A 104 -0.49 2.01 -10.25
N LEU A 105 -0.86 0.73 -10.46
CA LEU A 105 0.07 -0.21 -11.07
C LEU A 105 0.49 0.26 -12.45
N GLY A 106 -0.41 0.93 -13.17
CA GLY A 106 -0.06 1.45 -14.47
C GLY A 106 0.98 2.55 -14.40
N LEU A 107 0.85 3.46 -13.44
CA LEU A 107 1.85 4.52 -13.25
C LEU A 107 3.19 3.93 -12.88
N LEU A 108 3.19 2.89 -12.04
CA LEU A 108 4.45 2.25 -11.67
C LEU A 108 5.11 1.58 -12.85
N ASP A 109 4.31 0.93 -13.72
CA ASP A 109 4.84 0.26 -14.88
C ASP A 109 5.16 1.20 -16.02
N SER A 110 4.63 2.43 -16.00
CA SER A 110 4.76 3.33 -17.15
C SER A 110 4.92 4.76 -16.59
N HIS A 111 6.10 5.11 -16.10
CA HIS A 111 7.34 4.33 -16.15
C HIS A 111 8.14 4.54 -14.88
N LEU A 112 7.47 4.66 -13.72
CA LEU A 112 8.17 5.07 -12.52
C LEU A 112 9.25 4.06 -12.12
N ILE A 113 8.91 2.78 -12.14
CA ILE A 113 9.87 1.79 -11.64
C ILE A 113 11.10 1.73 -12.53
N LYS A 114 10.91 1.71 -13.85
CA LYS A 114 12.09 1.47 -14.70
C LYS A 114 13.06 2.64 -14.66
N GLU A 115 12.60 3.85 -14.29
CA GLU A 115 13.47 5.01 -14.21
C GLU A 115 14.05 5.18 -12.80
N ALA A 116 13.63 4.36 -11.85
CA ALA A 116 14.05 4.49 -10.45
C ALA A 116 15.29 3.62 -10.22
N GLY A 117 16.43 4.27 -10.04
CA GLY A 117 17.69 3.59 -9.88
C GLY A 117 18.23 3.66 -8.46
N ASP A 118 17.94 4.74 -7.73
CA ASP A 118 18.38 4.78 -6.35
C ASP A 118 17.56 3.83 -5.50
N ALA A 119 18.20 3.28 -4.47
CA ALA A 119 17.48 2.34 -3.61
C ALA A 119 16.22 2.96 -2.97
N GLU A 120 16.32 4.21 -2.49
CA GLU A 120 15.18 4.79 -1.79
C GLU A 120 13.97 4.93 -2.70
N SER A 121 14.19 5.25 -3.97
CA SER A 121 13.03 5.37 -4.87
C SER A 121 12.57 4.00 -5.36
N ARG A 122 13.52 3.16 -5.76
CA ARG A 122 13.15 1.86 -6.31
C ARG A 122 12.45 0.99 -5.27
N VAL A 123 12.96 0.94 -4.03
CA VAL A 123 12.28 0.14 -3.01
C VAL A 123 10.89 0.70 -2.73
N PHE A 124 10.76 2.03 -2.66
CA PHE A 124 9.46 2.65 -2.43
C PHE A 124 8.46 2.20 -3.49
N TYR A 125 8.87 2.22 -4.75
CA TYR A 125 7.93 1.89 -5.83
C TYR A 125 7.62 0.40 -5.85
N LEU A 126 8.61 -0.45 -5.61
CA LEU A 126 8.33 -1.88 -5.61
C LEU A 126 7.45 -2.27 -4.44
N LYS A 127 7.64 -1.62 -3.29
CA LYS A 127 6.72 -1.84 -2.18
C LYS A 127 5.31 -1.43 -2.58
N MET A 128 5.17 -0.28 -3.25
CA MET A 128 3.84 0.15 -3.70
C MET A 128 3.23 -0.89 -4.63
N LYS A 129 4.02 -1.44 -5.55
CA LYS A 129 3.52 -2.46 -6.44
C LYS A 129 3.02 -3.67 -5.66
N GLY A 130 3.80 -4.13 -4.68
CA GLY A 130 3.32 -5.22 -3.82
C GLY A 130 2.02 -4.86 -3.11
N ASP A 131 1.96 -3.64 -2.57
CA ASP A 131 0.78 -3.19 -1.83
C ASP A 131 -0.47 -3.20 -2.70
N TYR A 132 -0.38 -2.69 -3.94
CA TYR A 132 -1.61 -2.61 -4.76
C TYR A 132 -1.97 -3.95 -5.38
N TYR A 133 -1.01 -4.85 -5.62
CA TYR A 133 -1.40 -6.24 -5.89
C TYR A 133 -2.02 -6.87 -4.66
N ARG A 134 -1.56 -6.52 -3.46
CA ARG A 134 -2.16 -7.07 -2.26
C ARG A 134 -3.60 -6.60 -2.10
N TYR A 135 -3.89 -5.35 -2.43
CA TYR A 135 -5.27 -4.88 -2.34
C TYR A 135 -6.12 -5.59 -3.39
N LEU A 136 -5.57 -5.83 -4.57
CA LEU A 136 -6.29 -6.65 -5.54
C LEU A 136 -6.55 -8.05 -4.99
N ALA A 137 -5.56 -8.63 -4.30
CA ALA A 137 -5.72 -9.98 -3.75
C ALA A 137 -6.85 -10.05 -2.74
N GLU A 138 -7.05 -8.97 -1.98
CA GLU A 138 -8.05 -8.93 -0.93
C GLU A 138 -9.45 -9.17 -1.48
N VAL A 139 -9.69 -8.84 -2.75
CA VAL A 139 -11.02 -9.02 -3.36
C VAL A 139 -11.04 -10.06 -4.45
N ALA A 140 -9.90 -10.72 -4.71
CA ALA A 140 -9.83 -11.67 -5.81
C ALA A 140 -10.44 -13.01 -5.41
N THR A 141 -11.18 -13.62 -6.34
CA THR A 141 -11.79 -14.94 -6.10
C THR A 141 -11.74 -15.85 -7.29
N GLY A 142 -11.56 -15.34 -8.51
CA GLY A 142 -11.58 -16.17 -9.68
C GLY A 142 -10.28 -16.90 -9.95
N ASP A 143 -10.02 -17.19 -11.23
CA ASP A 143 -8.81 -17.93 -11.58
C ASP A 143 -7.56 -17.19 -11.12
N ASP A 144 -7.60 -15.87 -11.15
CA ASP A 144 -6.39 -15.07 -11.06
C ASP A 144 -5.95 -14.75 -9.63
N LYS A 145 -6.65 -15.24 -8.60
CA LYS A 145 -6.19 -14.92 -7.25
C LYS A 145 -4.77 -15.42 -7.02
N LYS A 146 -4.47 -16.64 -7.47
CA LYS A 146 -3.12 -17.18 -7.32
C LYS A 146 -2.10 -16.30 -8.04
N ARG A 147 -2.41 -15.86 -9.27
CA ARG A 147 -1.42 -15.07 -10.00
C ARG A 147 -1.29 -13.68 -9.39
N ILE A 148 -2.39 -13.12 -8.85
CA ILE A 148 -2.29 -11.80 -8.19
C ILE A 148 -1.40 -11.89 -6.96
N ILE A 149 -1.59 -12.93 -6.15
CA ILE A 149 -0.77 -13.15 -4.96
C ILE A 149 0.68 -13.31 -5.35
N ASP A 150 0.96 -14.06 -6.41
CA ASP A 150 2.35 -14.23 -6.80
C ASP A 150 2.98 -12.91 -7.27
N SER A 151 2.18 -12.05 -7.92
CA SER A 151 2.69 -10.76 -8.36
C SER A 151 3.04 -9.89 -7.17
N ALA A 152 2.18 -9.88 -6.14
CA ALA A 152 2.47 -9.15 -4.92
C ALA A 152 3.74 -9.67 -4.28
N ARG A 153 3.81 -10.98 -4.10
CA ARG A 153 4.98 -11.61 -3.51
C ARG A 153 6.26 -11.24 -4.25
N SER A 154 6.23 -11.30 -5.58
CA SER A 154 7.41 -11.03 -6.38
C SER A 154 7.88 -9.59 -6.19
N ALA A 155 6.95 -8.66 -6.18
CA ALA A 155 7.34 -7.27 -6.02
C ALA A 155 7.93 -7.02 -4.65
N TYR A 156 7.25 -7.51 -3.60
CA TYR A 156 7.79 -7.36 -2.26
C TYR A 156 9.17 -7.99 -2.15
N GLN A 157 9.36 -9.17 -2.74
CA GLN A 157 10.65 -9.85 -2.63
C GLN A 157 11.77 -9.07 -3.32
N GLU A 158 11.52 -8.51 -4.51
CA GLU A 158 12.55 -7.70 -5.16
C GLU A 158 12.88 -6.49 -4.29
N ALA A 159 11.86 -5.87 -3.72
CA ALA A 159 12.06 -4.74 -2.85
C ALA A 159 12.88 -5.12 -1.62
N MET A 160 12.58 -6.28 -1.04
CA MET A 160 13.29 -6.73 0.15
C MET A 160 14.75 -6.99 -0.15
N ASP A 161 15.01 -7.64 -1.30
CA ASP A 161 16.39 -7.95 -1.67
C ASP A 161 17.21 -6.67 -1.77
N ILE A 162 16.67 -5.63 -2.40
CA ILE A 162 17.39 -4.37 -2.50
C ILE A 162 17.55 -3.72 -1.14
N SER A 163 16.49 -3.72 -0.33
CA SER A 163 16.55 -2.99 0.93
C SER A 163 17.60 -3.59 1.86
N LYS A 164 17.71 -4.92 1.87
CA LYS A 164 18.67 -5.56 2.76
C LYS A 164 20.10 -5.30 2.31
N LYS A 165 20.32 -5.13 1.01
CA LYS A 165 21.66 -4.84 0.51
C LYS A 165 22.03 -3.38 0.70
N GLU A 166 21.07 -2.47 0.54
CA GLU A 166 21.39 -1.08 0.33
C GLU A 166 20.99 -0.15 1.46
N MET A 167 20.28 -0.61 2.47
CA MET A 167 19.70 0.24 3.50
C MET A 167 20.01 -0.31 4.88
N PRO A 168 20.24 0.54 5.88
CA PRO A 168 20.43 0.05 7.23
C PRO A 168 19.13 -0.52 7.77
N PRO A 169 19.22 -1.37 8.78
CA PRO A 169 18.02 -2.04 9.27
C PRO A 169 17.01 -1.12 9.94
N THR A 170 17.39 0.11 10.30
CA THR A 170 16.47 1.10 10.86
C THR A 170 15.82 1.97 9.79
N ASN A 171 16.24 1.86 8.54
CA ASN A 171 15.73 2.77 7.53
C ASN A 171 14.20 2.68 7.48
N PRO A 172 13.49 3.81 7.53
CA PRO A 172 12.01 3.71 7.56
C PRO A 172 11.40 3.09 6.33
N ILE A 173 12.00 3.27 5.16
CA ILE A 173 11.49 2.61 3.96
C ILE A 173 11.60 1.11 4.12
N ARG A 174 12.77 0.66 4.57
CA ARG A 174 12.99 -0.78 4.78
C ARG A 174 12.05 -1.34 5.83
N LEU A 175 11.84 -0.61 6.93
CA LEU A 175 10.97 -1.08 8.00
C LEU A 175 9.52 -1.18 7.54
N GLY A 176 9.03 -0.18 6.81
CA GLY A 176 7.64 -0.25 6.37
C GLY A 176 7.41 -1.32 5.32
N LEU A 177 8.41 -1.57 4.48
CA LEU A 177 8.35 -2.67 3.52
C LEU A 177 8.22 -3.99 4.25
N ALA A 178 9.08 -4.21 5.24
CA ALA A 178 9.02 -5.44 6.01
C ALA A 178 7.70 -5.57 6.74
N LEU A 179 7.21 -4.48 7.33
CA LEU A 179 5.89 -4.49 7.94
C LEU A 179 4.84 -4.95 6.93
N ASN A 180 4.82 -4.34 5.75
CA ASN A 180 3.75 -4.68 4.81
C ASN A 180 3.89 -6.08 4.24
N PHE A 181 5.12 -6.56 4.03
CA PHE A 181 5.33 -7.92 3.56
C PHE A 181 4.88 -8.92 4.61
N SER A 182 5.13 -8.60 5.89
CA SER A 182 4.65 -9.47 6.96
C SER A 182 3.13 -9.51 6.97
N VAL A 183 2.48 -8.37 6.68
CA VAL A 183 1.02 -8.35 6.58
C VAL A 183 0.56 -9.22 5.42
N PHE A 184 1.24 -9.11 4.27
CA PHE A 184 0.96 -10.00 3.14
C PHE A 184 1.03 -11.46 3.58
N HIS A 185 2.10 -11.85 4.28
CA HIS A 185 2.23 -13.25 4.67
C HIS A 185 1.08 -13.68 5.57
N TYR A 186 0.71 -12.86 6.54
CA TYR A 186 -0.30 -13.25 7.51
C TYR A 186 -1.71 -13.19 6.92
N GLU A 187 -2.02 -12.12 6.18
CA GLU A 187 -3.41 -11.85 5.80
C GLU A 187 -3.78 -12.39 4.42
N ILE A 188 -2.80 -12.55 3.53
CA ILE A 188 -3.04 -12.93 2.13
C ILE A 188 -2.51 -14.33 1.83
N ALA A 189 -1.28 -14.62 2.25
CA ALA A 189 -0.57 -15.82 1.80
C ALA A 189 -0.75 -17.01 2.75
N ASN A 190 -1.54 -16.88 3.81
CA ASN A 190 -1.78 -17.99 4.73
C ASN A 190 -0.47 -18.53 5.31
N SER A 191 0.46 -17.61 5.60
CA SER A 191 1.78 -17.95 6.13
C SER A 191 2.05 -17.18 7.41
N PRO A 192 1.26 -17.41 8.46
CA PRO A 192 1.47 -16.64 9.70
C PRO A 192 2.84 -16.87 10.31
N GLU A 193 3.42 -18.07 10.20
CA GLU A 193 4.74 -18.26 10.80
C GLU A 193 5.79 -17.42 10.08
N GLU A 194 5.71 -17.32 8.76
CA GLU A 194 6.63 -16.45 8.05
C GLU A 194 6.42 -14.99 8.45
N ALA A 195 5.17 -14.59 8.61
CA ALA A 195 4.86 -13.23 9.04
C ALA A 195 5.51 -12.90 10.39
N ILE A 196 5.34 -13.79 11.36
CA ILE A 196 5.92 -13.61 12.69
C ILE A 196 7.45 -13.56 12.62
N SER A 197 8.06 -14.49 11.90
CA SER A 197 9.52 -14.54 11.82
C SER A 197 10.06 -13.27 11.20
N LEU A 198 9.42 -12.81 10.12
CA LEU A 198 9.87 -11.58 9.48
C LEU A 198 9.72 -10.40 10.43
N ALA A 199 8.56 -10.28 11.10
CA ALA A 199 8.36 -9.13 11.98
C ALA A 199 9.36 -9.15 13.14
N LYS A 200 9.62 -10.33 13.70
CA LYS A 200 10.56 -10.46 14.82
C LYS A 200 11.98 -10.09 14.41
N THR A 201 12.47 -10.69 13.33
CA THR A 201 13.83 -10.42 12.88
C THR A 201 14.00 -8.95 12.50
N THR A 202 13.01 -8.41 11.81
CA THR A 202 13.06 -6.98 11.46
C THR A 202 13.17 -6.12 12.70
N PHE A 203 12.32 -6.39 13.70
CA PHE A 203 12.31 -5.61 14.93
C PHE A 203 13.64 -5.70 15.64
N ASP A 204 14.14 -6.92 15.80
CA ASP A 204 15.39 -7.14 16.54
C ASP A 204 16.58 -6.49 15.85
N GLU A 205 16.63 -6.56 14.52
CA GLU A 205 17.78 -5.99 13.81
C GLU A 205 17.71 -4.48 13.87
N ALA A 206 16.51 -3.92 13.86
CA ALA A 206 16.42 -2.48 14.01
C ALA A 206 16.81 -2.04 15.42
N MET A 207 16.33 -2.76 16.43
CA MET A 207 16.68 -2.43 17.81
C MET A 207 18.18 -2.27 17.98
N ALA A 208 18.94 -3.20 17.39
CA ALA A 208 20.37 -3.24 17.55
C ALA A 208 21.09 -2.09 16.85
N ASP A 209 20.41 -1.41 15.93
CA ASP A 209 20.99 -0.32 15.15
C ASP A 209 20.51 1.06 15.62
N LEU A 210 19.58 1.12 16.60
CA LEU A 210 19.04 2.40 17.03
C LEU A 210 20.12 3.32 17.60
N HIS A 211 21.18 2.76 18.18
CA HIS A 211 22.22 3.56 18.82
C HIS A 211 22.94 4.47 17.83
N THR A 212 22.82 4.19 16.53
CA THR A 212 23.47 4.98 15.49
C THR A 212 22.69 6.21 15.07
N LEU A 213 21.46 6.36 15.54
CA LEU A 213 20.52 7.33 15.01
C LEU A 213 20.44 8.62 15.82
N SER A 214 20.11 9.70 15.13
CA SER A 214 19.76 10.94 15.79
C SER A 214 18.41 10.80 16.48
N GLU A 215 18.09 11.78 17.33
CA GLU A 215 16.80 11.82 17.98
C GLU A 215 15.66 11.74 16.97
N ASP A 216 15.74 12.51 15.88
CA ASP A 216 14.63 12.55 14.95
C ASP A 216 14.51 11.23 14.21
N SER A 217 15.63 10.65 13.78
CA SER A 217 15.58 9.37 13.07
C SER A 217 15.15 8.25 14.01
N TYR A 218 15.60 8.32 15.26
CA TYR A 218 15.16 7.35 16.27
C TYR A 218 13.65 7.35 16.41
N LYS A 219 13.05 8.53 16.40
CA LYS A 219 11.60 8.63 16.50
C LYS A 219 10.92 7.98 15.29
N ASP A 220 11.43 8.26 14.08
CA ASP A 220 10.86 7.66 12.89
C ASP A 220 10.92 6.14 12.95
N SER A 221 12.10 5.59 13.28
CA SER A 221 12.28 4.15 13.25
C SER A 221 11.47 3.47 14.34
N THR A 222 11.46 4.05 15.53
CA THR A 222 10.76 3.35 16.61
C THR A 222 9.26 3.39 16.40
N LEU A 223 8.73 4.43 15.73
CA LEU A 223 7.30 4.43 15.43
C LEU A 223 6.90 3.24 14.58
N ILE A 224 7.69 2.92 13.56
CA ILE A 224 7.35 1.77 12.72
C ILE A 224 7.62 0.46 13.47
N MET A 225 8.67 0.44 14.30
CA MET A 225 8.98 -0.74 15.09
C MET A 225 7.80 -1.07 16.01
N GLN A 226 7.12 -0.03 16.52
CA GLN A 226 5.94 -0.25 17.36
C GLN A 226 4.85 -0.96 16.58
N LEU A 227 4.69 -0.63 15.30
CA LEU A 227 3.68 -1.32 14.51
C LEU A 227 4.02 -2.79 14.31
N LEU A 228 5.30 -3.11 14.11
CA LEU A 228 5.71 -4.51 14.09
C LEU A 228 5.34 -5.21 15.38
N ARG A 229 5.61 -4.54 16.52
CA ARG A 229 5.29 -5.10 17.83
C ARG A 229 3.78 -5.29 18.00
N ASP A 230 3.00 -4.30 17.57
CA ASP A 230 1.55 -4.42 17.66
C ASP A 230 1.07 -5.67 16.94
N ASN A 231 1.61 -5.91 15.74
CA ASN A 231 1.19 -7.08 14.99
C ASN A 231 1.64 -8.35 15.68
N LEU A 232 2.87 -8.37 16.19
CA LEU A 232 3.33 -9.57 16.87
C LEU A 232 2.45 -9.86 18.08
N THR A 233 1.98 -8.81 18.77
CA THR A 233 1.08 -9.00 19.90
C THR A 233 -0.26 -9.56 19.44
N LEU A 234 -0.75 -9.09 18.29
CA LEU A 234 -1.99 -9.61 17.71
C LEU A 234 -1.83 -11.05 17.27
N TRP A 235 -0.67 -11.41 16.74
CA TRP A 235 -0.45 -12.69 16.06
C TRP A 235 -0.04 -13.82 17.00
N THR A 236 0.34 -13.48 18.22
CA THR A 236 0.90 -14.45 19.16
C THR A 236 0.23 -14.32 20.51
N GLN B 1 -9.72 -8.86 14.10
CA GLN B 1 -8.98 -7.61 13.89
C GLN B 1 -7.89 -7.80 12.84
N ARG B 2 -7.80 -6.84 11.91
CA ARG B 2 -6.84 -6.97 10.81
C ARG B 2 -5.49 -6.38 11.18
N SER B 3 -4.46 -6.95 10.58
CA SER B 3 -3.09 -6.51 10.86
C SER B 3 -2.88 -5.08 10.43
N THR B 4 -1.93 -4.43 11.09
CA THR B 4 -1.60 -3.04 10.77
C THR B 4 -0.54 -2.95 9.70
N THR B 6 1.64 -0.11 6.96
CA THR B 6 2.32 1.18 7.11
C THR B 6 1.30 2.27 6.91
N PRO B 7 1.18 3.17 7.87
CA PRO B 7 0.21 4.28 7.73
C PRO B 7 0.77 5.42 6.88
N ASN B 8 -0.13 6.31 6.49
CA ASN B 8 0.30 7.55 5.85
C ASN B 8 1.03 8.43 6.85
N VAL B 9 2.04 9.14 6.35
CA VAL B 9 2.76 10.16 7.08
C VAL B 9 2.71 11.41 6.18
N HIS B 10 2.08 12.46 6.68
CA HIS B 10 1.89 13.62 5.83
C HIS B 10 3.20 14.45 5.98
#